data_8U1Y
#
_entry.id   8U1Y
#
_cell.length_a   117.724
_cell.length_b   64.003
_cell.length_c   74.333
_cell.angle_alpha   90.00
_cell.angle_beta   125.12
_cell.angle_gamma   90.00
#
_symmetry.space_group_name_H-M   'C 1 2 1'
#
loop_
_entity.id
_entity.type
_entity.pdbx_description
1 polymer 'Thiol:disulfide interchange protein DsbA'
2 non-polymer ~{N}-[(4-thiophen-3-ylphenyl)methyl]cyclohexanamine
3 non-polymer 'COPPER (II) ION'
4 water water
#
_entity_poly.entity_id   1
_entity_poly.type   'polypeptide(L)'
_entity_poly.pdbx_seq_one_letter_code
;AQYEDGKQYTTLEKPVAGAPQVLEFFSFFCPHCYQFEEVLHISDNVKKKLPEGVKMTKYHVNFMGGDLGKDLTQAWAVAM
ALGVEDKVTVPLFEGVQKTQTIRSASDIRDVFINAGIKGEEYDAAWNSFVVKSLVAQQEKAAADVQLRGVPAMFVNGKYQ
LNPQGMDTSNMDVFVQQYADTVKYLSEKK
;
_entity_poly.pdbx_strand_id   A,B
#
loop_
_chem_comp.id
_chem_comp.type
_chem_comp.name
_chem_comp.formula
5V9 non-polymer ~{N}-[(4-thiophen-3-ylphenyl)methyl]cyclohexanamine 'C17 H21 N S'
CU non-polymer 'COPPER (II) ION' 'Cu 2'
#
# COMPACT_ATOMS: atom_id res chain seq x y z
N ALA A 1 -23.16 11.95 21.52
CA ALA A 1 -21.91 12.60 21.87
C ALA A 1 -21.04 12.79 20.65
N GLN A 2 -20.03 13.64 20.79
CA GLN A 2 -19.10 13.88 19.69
C GLN A 2 -18.25 12.65 19.39
N TYR A 3 -17.79 11.93 20.43
CA TYR A 3 -17.11 10.65 20.26
C TYR A 3 -18.08 9.54 20.65
N GLU A 4 -18.29 8.59 19.74
CA GLU A 4 -19.30 7.57 19.95
C GLU A 4 -18.71 6.21 19.66
N ASP A 5 -18.99 5.27 20.55
CA ASP A 5 -18.72 3.87 20.33
C ASP A 5 -19.41 3.42 19.05
N GLY A 6 -18.61 2.85 18.13
CA GLY A 6 -19.06 2.48 16.80
C GLY A 6 -18.68 3.48 15.72
N LYS A 7 -18.22 4.69 16.10
CA LYS A 7 -17.83 5.71 15.13
C LYS A 7 -16.32 5.86 15.10
N GLN A 8 -15.73 6.57 16.07
CA GLN A 8 -14.27 6.69 16.06
C GLN A 8 -13.59 5.53 16.76
N TYR A 9 -14.33 4.75 17.55
CA TYR A 9 -13.73 3.64 18.28
C TYR A 9 -14.81 2.58 18.52
N THR A 10 -14.35 1.40 18.91
CA THR A 10 -15.22 0.38 19.46
C THR A 10 -14.71 -0.03 20.83
N THR A 11 -15.52 -0.77 21.57
CA THR A 11 -15.18 -1.15 22.94
C THR A 11 -15.12 -2.66 22.99
N LEU A 12 -14.06 -3.19 23.60
CA LEU A 12 -13.82 -4.62 23.64
C LEU A 12 -14.84 -5.24 24.57
N GLU A 13 -15.55 -6.26 24.08
CA GLU A 13 -16.51 -6.92 24.95
C GLU A 13 -15.80 -7.69 26.06
N LYS A 14 -14.56 -8.11 25.83
CA LYS A 14 -13.73 -8.74 26.85
C LYS A 14 -12.48 -7.89 27.06
N PRO A 15 -12.48 -6.99 28.04
CA PRO A 15 -11.34 -6.10 28.23
C PRO A 15 -10.12 -6.85 28.74
N VAL A 16 -8.94 -6.30 28.44
CA VAL A 16 -7.66 -6.98 28.63
C VAL A 16 -6.91 -6.28 29.77
N ALA A 17 -6.82 -6.93 30.93
CA ALA A 17 -6.13 -6.31 32.05
C ALA A 17 -4.61 -6.28 31.82
N GLY A 18 -3.99 -5.21 32.32
CA GLY A 18 -2.53 -5.09 32.27
C GLY A 18 -1.93 -4.70 30.94
N ALA A 19 -2.73 -4.41 29.91
CA ALA A 19 -2.18 -4.15 28.57
C ALA A 19 -1.42 -2.82 28.53
N PRO A 20 -0.53 -2.64 27.54
CA PRO A 20 0.15 -1.35 27.40
C PRO A 20 -0.86 -0.23 27.17
N GLN A 21 -0.48 0.99 27.59
CA GLN A 21 -1.35 2.14 27.43
C GLN A 21 -1.77 2.35 25.98
N VAL A 22 -0.80 2.37 25.07
CA VAL A 22 -1.09 2.46 23.64
C VAL A 22 -0.40 1.28 22.97
N LEU A 23 -1.19 0.44 22.30
CA LEU A 23 -0.67 -0.79 21.71
C LEU A 23 -1.09 -0.86 20.25
N GLU A 24 -0.10 -0.91 19.36
CA GLU A 24 -0.36 -0.93 17.92
C GLU A 24 0.08 -2.28 17.36
N PHE A 25 -0.71 -2.80 16.43
CA PHE A 25 -0.37 -4.04 15.71
C PHE A 25 -0.25 -3.72 14.23
N PHE A 26 0.74 -4.31 13.54
CA PHE A 26 0.93 -4.01 12.11
C PHE A 26 1.50 -5.25 11.45
N SER A 27 1.54 -5.20 10.10
CA SER A 27 2.23 -6.25 9.37
C SER A 27 3.02 -5.55 8.26
N PHE A 28 4.23 -6.03 8.00
CA PHE A 28 4.93 -5.43 6.87
C PHE A 28 4.27 -5.73 5.53
N PHE A 29 3.27 -6.63 5.51
CA PHE A 29 2.51 -6.95 4.30
C PHE A 29 1.27 -6.07 4.11
N CYS A 30 0.95 -5.30 5.15
CA CYS A 30 -0.30 -4.51 5.20
C CYS A 30 -0.17 -3.14 4.52
N PRO A 31 -1.00 -2.89 3.47
CA PRO A 31 -0.92 -1.64 2.72
C PRO A 31 -1.21 -0.36 3.53
N HIS A 32 -2.22 -0.42 4.40
CA HIS A 32 -2.50 0.75 5.28
C HIS A 32 -1.33 0.96 6.24
N CYS A 33 -0.74 -0.13 6.71
CA CYS A 33 0.38 -0.04 7.68
C CYS A 33 1.54 0.69 6.99
N TYR A 34 1.80 0.33 5.74
CA TYR A 34 2.81 1.03 4.97
C TYR A 34 2.55 2.52 4.94
N GLN A 35 1.31 2.92 4.64
CA GLN A 35 0.99 4.34 4.64
C GLN A 35 1.09 4.96 6.05
N PHE A 36 0.67 4.22 7.09
CA PHE A 36 0.74 4.73 8.48
C PHE A 36 2.19 5.04 8.86
N GLU A 37 3.12 4.26 8.31
CA GLU A 37 4.54 4.50 8.58
C GLU A 37 5.11 5.61 7.72
N GLU A 38 4.97 5.55 6.39
CA GLU A 38 5.76 6.41 5.52
C GLU A 38 5.15 7.78 5.23
N VAL A 39 3.81 7.86 5.22
CA VAL A 39 3.05 9.00 4.68
C VAL A 39 2.25 9.72 5.74
N LEU A 40 1.62 8.96 6.65
CA LEU A 40 0.77 9.55 7.66
C LEU A 40 1.45 9.70 9.02
N HIS A 41 2.47 8.88 9.29
CA HIS A 41 3.26 8.97 10.50
C HIS A 41 2.35 8.94 11.72
N ILE A 42 1.50 7.91 11.76
CA ILE A 42 0.45 7.81 12.78
C ILE A 42 1.05 7.71 14.19
N SER A 43 2.07 6.86 14.36
CA SER A 43 2.61 6.66 15.71
C SER A 43 3.18 7.95 16.26
N ASP A 44 3.92 8.70 15.44
N ASP A 44 3.95 8.66 15.42
CA ASP A 44 4.52 9.92 15.96
CA ASP A 44 4.55 9.94 15.78
C ASP A 44 3.46 10.99 16.23
C ASP A 44 3.49 10.95 16.19
N ASN A 45 2.44 11.08 15.38
CA ASN A 45 1.42 12.10 15.62
C ASN A 45 0.57 11.78 16.83
N VAL A 46 0.35 10.48 17.11
CA VAL A 46 -0.28 10.09 18.36
C VAL A 46 0.62 10.44 19.54
N LYS A 47 1.91 10.12 19.43
CA LYS A 47 2.81 10.38 20.54
C LYS A 47 2.81 11.84 20.92
N LYS A 48 2.77 12.72 19.91
CA LYS A 48 2.86 14.14 20.22
C LYS A 48 1.59 14.67 20.85
N LYS A 49 0.50 13.93 20.78
CA LYS A 49 -0.71 14.40 21.41
C LYS A 49 -0.96 13.77 22.78
N LEU A 50 -0.09 12.89 23.22
CA LEU A 50 -0.20 12.26 24.52
C LEU A 50 0.83 12.87 25.46
N PRO A 51 0.61 12.79 26.77
CA PRO A 51 1.57 13.36 27.71
C PRO A 51 2.95 12.71 27.56
N GLU A 52 3.97 13.48 27.95
CA GLU A 52 5.34 12.97 27.93
C GLU A 52 5.46 11.67 28.70
N GLY A 53 6.21 10.72 28.16
CA GLY A 53 6.56 9.51 28.87
C GLY A 53 5.54 8.39 28.84
N VAL A 54 4.42 8.55 28.14
CA VAL A 54 3.46 7.45 28.04
C VAL A 54 4.10 6.31 27.25
N LYS A 55 3.77 5.07 27.63
CA LYS A 55 4.32 3.92 26.93
C LYS A 55 3.48 3.63 25.69
N MET A 56 4.14 3.58 24.53
CA MET A 56 3.54 3.10 23.30
C MET A 56 4.29 1.86 22.88
N THR A 57 3.55 0.85 22.43
CA THR A 57 4.11 -0.44 22.09
C THR A 57 3.61 -0.80 20.70
N LYS A 58 4.49 -1.36 19.87
CA LYS A 58 4.11 -1.72 18.50
C LYS A 58 4.59 -3.14 18.19
N TYR A 59 3.64 -4.03 17.86
CA TYR A 59 3.99 -5.42 17.62
C TYR A 59 3.60 -5.84 16.20
N HIS A 60 4.36 -6.80 15.67
CA HIS A 60 4.05 -7.38 14.36
C HIS A 60 3.14 -8.61 14.52
N VAL A 61 2.44 -8.99 13.42
CA VAL A 61 1.47 -10.08 13.47
C VAL A 61 1.83 -11.14 12.43
N ASN A 62 1.33 -12.34 12.68
CA ASN A 62 1.67 -13.47 11.83
C ASN A 62 0.70 -13.67 10.67
N PHE A 63 -0.52 -13.12 10.75
CA PHE A 63 -1.53 -13.77 9.90
C PHE A 63 -1.47 -13.34 8.43
N MET A 64 -0.63 -12.39 8.05
CA MET A 64 -0.43 -12.10 6.62
C MET A 64 0.92 -12.64 6.16
N GLY A 65 0.97 -13.25 4.98
CA GLY A 65 2.27 -13.60 4.46
C GLY A 65 2.79 -14.98 4.78
N GLY A 66 1.99 -15.87 5.37
CA GLY A 66 2.46 -17.24 5.54
C GLY A 66 3.81 -17.35 6.26
N ASP A 67 4.72 -18.17 5.70
CA ASP A 67 6.04 -18.40 6.31
C ASP A 67 6.72 -17.07 6.58
N LEU A 68 6.75 -16.21 5.55
CA LEU A 68 7.47 -14.95 5.70
C LEU A 68 6.82 -14.03 6.72
N GLY A 69 5.50 -14.12 6.89
CA GLY A 69 4.86 -13.37 7.96
C GLY A 69 5.44 -13.70 9.31
N LYS A 70 5.60 -15.01 9.60
CA LYS A 70 6.20 -15.44 10.86
C LYS A 70 7.67 -15.05 10.94
N ASP A 71 8.41 -15.16 9.81
CA ASP A 71 9.79 -14.68 9.80
C ASP A 71 9.86 -13.20 10.14
N LEU A 72 8.89 -12.39 9.66
CA LEU A 72 8.93 -10.96 9.96
C LEU A 72 8.58 -10.66 11.41
N THR A 73 7.73 -11.46 12.03
CA THR A 73 7.47 -11.29 13.45
C THR A 73 8.73 -11.56 14.26
N GLN A 74 9.48 -12.60 13.88
CA GLN A 74 10.74 -12.88 14.55
C GLN A 74 11.77 -11.81 14.27
N ALA A 75 11.81 -11.27 13.06
CA ALA A 75 12.74 -10.17 12.81
C ALA A 75 12.35 -8.91 13.57
N TRP A 76 11.03 -8.66 13.72
CA TRP A 76 10.63 -7.52 14.54
C TRP A 76 11.04 -7.71 16.00
N ALA A 77 10.98 -8.95 16.49
CA ALA A 77 11.50 -9.25 17.82
C ALA A 77 12.99 -8.93 17.90
N VAL A 78 13.75 -9.27 16.84
CA VAL A 78 15.16 -8.92 16.82
C VAL A 78 15.31 -7.40 16.85
N ALA A 79 14.51 -6.69 16.04
CA ALA A 79 14.63 -5.23 16.00
C ALA A 79 14.33 -4.64 17.38
N MET A 80 13.32 -5.16 18.08
CA MET A 80 13.01 -4.64 19.42
C MET A 80 14.13 -4.98 20.40
N ALA A 81 14.69 -6.18 20.30
CA ALA A 81 15.73 -6.59 21.23
C ALA A 81 16.97 -5.72 21.09
N LEU A 82 17.31 -5.34 19.85
CA LEU A 82 18.49 -4.54 19.54
C LEU A 82 18.20 -3.05 19.57
N GLY A 83 16.93 -2.67 19.61
CA GLY A 83 16.58 -1.26 19.64
C GLY A 83 16.83 -0.58 18.31
N VAL A 84 16.62 -1.30 17.19
CA VAL A 84 16.91 -0.74 15.86
C VAL A 84 15.63 -0.59 15.03
N GLU A 85 14.47 -0.57 15.67
CA GLU A 85 13.20 -0.43 14.94
C GLU A 85 13.24 0.75 13.96
N ASP A 86 13.70 1.92 14.42
CA ASP A 86 13.70 3.07 13.52
C ASP A 86 14.61 2.88 12.31
N LYS A 87 15.64 2.02 12.38
CA LYS A 87 16.56 1.81 11.29
C LYS A 87 16.03 0.83 10.24
N VAL A 88 15.15 -0.10 10.61
CA VAL A 88 14.75 -1.15 9.68
C VAL A 88 13.30 -1.07 9.24
N THR A 89 12.48 -0.20 9.84
CA THR A 89 11.05 -0.26 9.49
C THR A 89 10.81 0.11 8.03
N VAL A 90 11.37 1.21 7.58
CA VAL A 90 11.11 1.65 6.20
C VAL A 90 11.71 0.65 5.21
N PRO A 91 12.95 0.20 5.36
CA PRO A 91 13.46 -0.76 4.36
C PRO A 91 12.75 -2.09 4.38
N LEU A 92 12.23 -2.52 5.53
CA LEU A 92 11.42 -3.73 5.52
C LEU A 92 10.10 -3.52 4.78
N PHE A 93 9.42 -2.39 5.05
CA PHE A 93 8.18 -2.10 4.32
C PHE A 93 8.45 -2.02 2.83
N GLU A 94 9.51 -1.30 2.44
CA GLU A 94 9.77 -1.16 1.00
C GLU A 94 10.20 -2.48 0.37
N GLY A 95 11.00 -3.28 1.09
CA GLY A 95 11.40 -4.58 0.55
C GLY A 95 10.23 -5.53 0.36
N VAL A 96 9.23 -5.45 1.24
CA VAL A 96 8.07 -6.33 1.10
C VAL A 96 7.10 -5.80 0.04
N GLN A 97 6.73 -4.51 0.12
CA GLN A 97 5.63 -4.01 -0.72
C GLN A 97 6.06 -3.21 -1.95
N LYS A 98 7.22 -2.52 -1.93
CA LYS A 98 7.55 -1.64 -3.07
C LYS A 98 8.46 -2.35 -4.07
N THR A 99 9.64 -2.80 -3.64
CA THR A 99 10.56 -3.51 -4.53
C THR A 99 10.29 -5.00 -4.61
N GLN A 100 9.62 -5.57 -3.59
CA GLN A 100 9.34 -7.00 -3.53
C GLN A 100 10.64 -7.81 -3.63
N THR A 101 11.65 -7.33 -2.92
CA THR A 101 12.94 -7.99 -2.88
C THR A 101 13.10 -8.84 -1.64
N ILE A 102 12.09 -8.88 -0.76
CA ILE A 102 12.15 -9.71 0.45
C ILE A 102 11.32 -10.96 0.19
N ARG A 103 12.00 -12.07 -0.03
CA ARG A 103 11.35 -13.33 -0.34
C ARG A 103 11.72 -14.43 0.61
N SER A 104 12.64 -14.19 1.53
CA SER A 104 13.18 -15.25 2.39
C SER A 104 13.71 -14.61 3.66
N ALA A 105 13.96 -15.47 4.66
CA ALA A 105 14.57 -14.99 5.88
C ALA A 105 15.94 -14.37 5.61
N SER A 106 16.66 -14.90 4.62
CA SER A 106 17.96 -14.33 4.27
C SER A 106 17.81 -12.90 3.75
N ASP A 107 16.76 -12.65 2.96
CA ASP A 107 16.54 -11.29 2.44
C ASP A 107 16.23 -10.32 3.58
N ILE A 108 15.51 -10.81 4.61
CA ILE A 108 15.22 -9.97 5.76
C ILE A 108 16.52 -9.61 6.46
N ARG A 109 17.37 -10.60 6.69
CA ARG A 109 18.68 -10.35 7.29
C ARG A 109 19.46 -9.31 6.48
N ASP A 110 19.42 -9.39 5.15
CA ASP A 110 20.16 -8.38 4.37
C ASP A 110 19.75 -6.95 4.74
N VAL A 111 18.46 -6.73 4.98
CA VAL A 111 18.00 -5.39 5.33
C VAL A 111 18.69 -4.92 6.59
N PHE A 112 18.82 -5.82 7.59
CA PHE A 112 19.51 -5.41 8.81
C PHE A 112 21.00 -5.17 8.55
N ILE A 113 21.63 -6.01 7.72
CA ILE A 113 23.04 -5.83 7.43
C ILE A 113 23.26 -4.49 6.76
N ASN A 114 22.42 -4.17 5.78
CA ASN A 114 22.52 -2.88 5.08
C ASN A 114 22.30 -1.72 6.04
N ALA A 115 21.45 -1.89 7.05
CA ALA A 115 21.21 -0.84 8.02
C ALA A 115 22.33 -0.73 9.06
N GLY A 116 23.36 -1.56 8.97
CA GLY A 116 24.50 -1.45 9.88
C GLY A 116 24.48 -2.36 11.10
N ILE A 117 23.53 -3.28 11.21
CA ILE A 117 23.61 -4.30 12.26
C ILE A 117 24.60 -5.36 11.81
N LYS A 118 25.58 -5.67 12.66
CA LYS A 118 26.57 -6.66 12.29
C LYS A 118 25.93 -8.04 12.17
N GLY A 119 26.46 -8.85 11.26
CA GLY A 119 25.86 -10.15 11.03
C GLY A 119 25.86 -11.01 12.29
N GLU A 120 27.00 -11.04 12.98
CA GLU A 120 27.09 -11.88 14.18
C GLU A 120 26.05 -11.46 15.22
N GLU A 121 25.82 -10.15 15.35
CA GLU A 121 24.83 -9.66 16.30
C GLU A 121 23.41 -9.99 15.88
N TYR A 122 23.10 -9.86 14.59
CA TYR A 122 21.79 -10.29 14.10
C TYR A 122 21.54 -11.76 14.39
N ASP A 123 22.51 -12.60 14.02
CA ASP A 123 22.31 -14.04 14.14
C ASP A 123 22.19 -14.46 15.60
N ALA A 124 23.03 -13.90 16.48
CA ALA A 124 22.92 -14.20 17.90
C ALA A 124 21.52 -13.84 18.43
N ALA A 125 20.99 -12.67 18.06
CA ALA A 125 19.65 -12.28 18.47
C ALA A 125 18.59 -13.20 17.87
N TRP A 126 18.65 -13.41 16.55
CA TRP A 126 17.67 -14.25 15.87
C TRP A 126 17.47 -15.59 16.56
N ASN A 127 18.54 -16.19 17.08
CA ASN A 127 18.51 -17.52 17.68
C ASN A 127 18.40 -17.49 19.21
N SER A 128 18.22 -16.30 19.79
CA SER A 128 18.25 -16.18 21.25
C SER A 128 16.90 -16.50 21.87
N PHE A 129 16.92 -16.99 23.13
CA PHE A 129 15.67 -17.18 23.84
C PHE A 129 15.03 -15.85 24.25
N VAL A 130 15.82 -14.78 24.40
CA VAL A 130 15.22 -13.47 24.58
C VAL A 130 14.30 -13.13 23.40
N VAL A 131 14.72 -13.42 22.17
CA VAL A 131 13.87 -13.17 21.00
C VAL A 131 12.69 -14.14 20.96
N LYS A 132 12.91 -15.44 21.25
CA LYS A 132 11.75 -16.34 21.33
C LYS A 132 10.72 -15.81 22.31
N SER A 133 11.16 -15.21 23.44
CA SER A 133 10.19 -14.67 24.38
C SER A 133 9.49 -13.44 23.80
N LEU A 134 10.22 -12.59 23.08
CA LEU A 134 9.54 -11.46 22.44
C LEU A 134 8.56 -11.91 21.34
N VAL A 135 8.88 -12.99 20.63
CA VAL A 135 7.90 -13.50 19.68
C VAL A 135 6.63 -13.96 20.42
N ALA A 136 6.82 -14.74 21.49
CA ALA A 136 5.66 -15.15 22.28
C ALA A 136 4.87 -13.94 22.76
N GLN A 137 5.56 -12.87 23.17
CA GLN A 137 4.85 -11.72 23.71
C GLN A 137 4.00 -11.05 22.65
N GLN A 138 4.50 -11.02 21.40
CA GLN A 138 3.74 -10.42 20.31
C GLN A 138 2.52 -11.27 19.99
N GLU A 139 2.70 -12.60 19.92
CA GLU A 139 1.56 -13.48 19.70
C GLU A 139 0.51 -13.32 20.79
N LYS A 140 0.93 -13.30 22.06
CA LYS A 140 -0.02 -13.26 23.17
C LYS A 140 -0.85 -11.98 23.16
N ALA A 141 -0.17 -10.85 22.95
CA ALA A 141 -0.89 -9.58 22.89
C ALA A 141 -1.97 -9.60 21.82
N ALA A 142 -1.63 -10.12 20.64
CA ALA A 142 -2.61 -10.17 19.55
C ALA A 142 -3.74 -11.14 19.87
N ALA A 143 -3.40 -12.32 20.41
CA ALA A 143 -4.41 -13.32 20.72
C ALA A 143 -5.41 -12.82 21.72
N ASP A 144 -4.95 -12.09 22.72
CA ASP A 144 -5.88 -11.57 23.72
C ASP A 144 -7.11 -10.92 23.08
N VAL A 145 -6.95 -10.24 21.93
CA VAL A 145 -8.08 -9.55 21.29
C VAL A 145 -8.48 -10.24 19.97
N GLN A 146 -8.17 -11.53 19.83
CA GLN A 146 -8.55 -12.27 18.63
C GLN A 146 -8.37 -11.40 17.40
N LEU A 147 -7.16 -10.84 17.30
CA LEU A 147 -6.88 -9.78 16.36
C LEU A 147 -7.18 -10.22 14.94
N ARG A 148 -8.08 -9.45 14.34
CA ARG A 148 -8.79 -9.65 13.09
C ARG A 148 -7.99 -9.15 11.91
N GLY A 149 -7.46 -7.96 12.08
CA GLY A 149 -6.92 -7.19 10.98
C GLY A 149 -6.01 -6.11 11.53
N VAL A 150 -5.20 -5.59 10.63
CA VAL A 150 -4.27 -4.50 10.95
C VAL A 150 -4.47 -3.43 9.89
N PRO A 151 -4.03 -2.19 10.16
CA PRO A 151 -3.41 -1.68 11.39
C PRO A 151 -4.45 -1.57 12.50
N ALA A 152 -4.07 -1.90 13.73
CA ALA A 152 -5.00 -1.86 14.86
C ALA A 152 -4.31 -1.09 15.98
N MET A 153 -5.07 -0.27 16.72
CA MET A 153 -4.52 0.37 17.90
C MET A 153 -5.52 0.19 19.04
N PHE A 154 -4.98 -0.17 20.19
CA PHE A 154 -5.78 -0.40 21.40
C PHE A 154 -5.32 0.55 22.49
N VAL A 155 -6.29 1.10 23.24
CA VAL A 155 -6.00 2.08 24.26
C VAL A 155 -6.41 1.46 25.58
N ASN A 156 -5.45 1.32 26.47
CA ASN A 156 -5.67 0.82 27.82
C ASN A 156 -6.33 -0.54 27.84
N GLY A 157 -6.00 -1.39 26.87
CA GLY A 157 -6.61 -2.70 26.88
C GLY A 157 -8.11 -2.71 26.75
N LYS A 158 -8.74 -1.58 26.36
CA LYS A 158 -10.20 -1.47 26.44
C LYS A 158 -10.85 -0.98 25.16
N TYR A 159 -10.21 -0.07 24.43
CA TYR A 159 -10.83 0.57 23.30
C TYR A 159 -9.97 0.30 22.08
N GLN A 160 -10.62 0.11 20.95
CA GLN A 160 -9.93 -0.13 19.67
C GLN A 160 -10.27 1.02 18.74
N LEU A 161 -9.25 1.65 18.16
CA LEU A 161 -9.50 2.71 17.18
C LEU A 161 -10.29 2.18 15.98
N ASN A 162 -11.18 3.02 15.43
CA ASN A 162 -11.98 2.68 14.25
C ASN A 162 -11.69 3.70 13.14
N PRO A 163 -10.61 3.53 12.38
CA PRO A 163 -10.30 4.55 11.35
C PRO A 163 -11.30 4.58 10.21
N GLN A 164 -12.05 3.48 9.96
CA GLN A 164 -13.07 3.49 8.92
C GLN A 164 -14.14 4.55 9.17
N GLY A 165 -14.32 4.98 10.41
CA GLY A 165 -15.31 5.97 10.71
C GLY A 165 -14.81 7.40 10.68
N MET A 166 -13.59 7.63 10.20
CA MET A 166 -12.95 8.94 10.21
C MET A 166 -12.88 9.53 8.81
N ASP A 167 -12.51 10.81 8.73
CA ASP A 167 -12.40 11.49 7.43
C ASP A 167 -11.45 10.77 6.49
N THR A 168 -11.79 10.74 5.17
CA THR A 168 -10.81 10.18 4.24
C THR A 168 -10.51 11.13 3.08
N SER A 169 -10.95 12.37 3.14
CA SER A 169 -10.71 13.28 2.03
C SER A 169 -9.39 14.01 2.16
N ASN A 170 -8.81 14.02 3.36
CA ASN A 170 -7.63 14.82 3.63
C ASN A 170 -6.74 14.04 4.59
N MET A 171 -5.51 13.76 4.17
CA MET A 171 -4.64 12.90 4.97
C MET A 171 -4.40 13.49 6.36
N ASP A 172 -4.21 14.81 6.44
CA ASP A 172 -3.84 15.38 7.73
C ASP A 172 -5.04 15.51 8.64
N VAL A 173 -6.22 15.75 8.08
CA VAL A 173 -7.44 15.73 8.90
C VAL A 173 -7.67 14.34 9.49
N PHE A 174 -7.49 13.30 8.66
CA PHE A 174 -7.58 11.93 9.21
C PHE A 174 -6.60 11.68 10.35
N VAL A 175 -5.34 12.06 10.16
CA VAL A 175 -4.34 11.83 11.20
C VAL A 175 -4.74 12.57 12.46
N GLN A 176 -5.22 13.82 12.30
CA GLN A 176 -5.64 14.61 13.47
C GLN A 176 -6.80 13.96 14.21
N GLN A 177 -7.81 13.51 13.47
CA GLN A 177 -8.94 12.85 14.12
C GLN A 177 -8.51 11.59 14.82
N TYR A 178 -7.62 10.82 14.19
CA TYR A 178 -7.13 9.58 14.81
C TYR A 178 -6.39 9.89 16.12
N ALA A 179 -5.43 10.81 16.06
CA ALA A 179 -4.67 11.15 17.27
C ALA A 179 -5.53 11.80 18.34
N ASP A 180 -6.49 12.66 17.97
CA ASP A 180 -7.37 13.21 18.99
C ASP A 180 -8.26 12.15 19.59
N THR A 181 -8.61 11.12 18.80
CA THR A 181 -9.39 10.04 19.39
C THR A 181 -8.57 9.27 20.40
N VAL A 182 -7.31 8.97 20.07
CA VAL A 182 -6.46 8.30 21.05
C VAL A 182 -6.40 9.11 22.33
N LYS A 183 -6.15 10.42 22.20
CA LYS A 183 -6.10 11.27 23.39
C LYS A 183 -7.38 11.18 24.22
N TYR A 184 -8.54 11.27 23.56
CA TYR A 184 -9.83 11.17 24.23
C TYR A 184 -9.97 9.84 24.97
N LEU A 185 -9.65 8.74 24.27
CA LEU A 185 -9.73 7.44 24.92
C LEU A 185 -8.75 7.33 26.10
N SER A 186 -7.54 7.90 25.96
CA SER A 186 -6.58 7.81 27.05
C SER A 186 -7.08 8.52 28.31
N GLU A 187 -7.93 9.55 28.14
CA GLU A 187 -8.47 10.34 29.25
C GLU A 187 -9.78 9.78 29.81
N LYS A 188 -10.26 8.63 29.30
CA LYS A 188 -11.45 7.98 29.85
C LYS A 188 -11.06 7.21 31.11
N ALA B 1 5.54 -26.47 -23.06
CA ALA B 1 5.54 -25.15 -23.72
C ALA B 1 6.13 -24.03 -22.87
N GLN B 2 6.67 -23.03 -23.56
CA GLN B 2 7.24 -21.91 -22.84
C GLN B 2 6.20 -21.23 -21.95
N TYR B 3 5.13 -20.73 -22.57
CA TYR B 3 4.09 -20.02 -21.83
C TYR B 3 3.08 -21.03 -21.28
N GLU B 4 2.84 -20.99 -19.97
CA GLU B 4 1.96 -21.97 -19.35
C GLU B 4 0.94 -21.24 -18.50
N ASP B 5 -0.34 -21.55 -18.71
CA ASP B 5 -1.42 -21.05 -17.88
C ASP B 5 -1.13 -21.34 -16.41
N GLY B 6 -1.21 -20.30 -15.57
CA GLY B 6 -0.84 -20.39 -14.19
C GLY B 6 0.58 -19.99 -13.90
N LYS B 7 1.44 -19.91 -14.92
CA LYS B 7 2.80 -19.46 -14.74
C LYS B 7 2.90 -17.96 -15.05
N GLN B 8 3.05 -17.61 -16.34
CA GLN B 8 3.22 -16.19 -16.70
C GLN B 8 1.92 -15.42 -16.72
N TYR B 9 0.78 -16.11 -16.75
CA TYR B 9 -0.53 -15.48 -16.89
C TYR B 9 -1.57 -16.45 -16.36
N THR B 10 -2.76 -15.91 -16.08
CA THR B 10 -3.94 -16.72 -15.79
C THR B 10 -5.05 -16.34 -16.77
N THR B 11 -6.10 -17.15 -16.78
CA THR B 11 -7.20 -16.97 -17.73
C THR B 11 -8.46 -16.60 -16.97
N LEU B 12 -9.07 -15.49 -17.36
CA LEU B 12 -10.35 -15.09 -16.79
C LEU B 12 -11.41 -16.14 -17.07
N GLU B 13 -12.18 -16.49 -16.03
CA GLU B 13 -13.28 -17.44 -16.22
C GLU B 13 -14.41 -16.82 -17.03
N LYS B 14 -14.76 -15.56 -16.72
CA LYS B 14 -15.85 -14.86 -17.40
C LYS B 14 -15.26 -13.71 -18.19
N PRO B 15 -14.84 -13.94 -19.44
CA PRO B 15 -14.12 -12.90 -20.19
C PRO B 15 -15.00 -11.67 -20.44
N VAL B 16 -14.33 -10.55 -20.65
CA VAL B 16 -14.97 -9.25 -20.81
C VAL B 16 -15.00 -8.91 -22.29
N ALA B 17 -16.20 -8.73 -22.83
CA ALA B 17 -16.34 -8.28 -24.21
C ALA B 17 -16.20 -6.76 -24.28
N GLY B 18 -15.55 -6.29 -25.34
CA GLY B 18 -15.31 -4.87 -25.52
C GLY B 18 -14.14 -4.29 -24.75
N ALA B 19 -13.27 -5.12 -24.21
CA ALA B 19 -12.20 -4.64 -23.36
C ALA B 19 -11.02 -4.13 -24.18
N PRO B 20 -10.30 -3.13 -23.66
CA PRO B 20 -9.12 -2.61 -24.38
C PRO B 20 -8.11 -3.72 -24.63
N GLN B 21 -7.37 -3.57 -25.73
CA GLN B 21 -6.38 -4.58 -26.11
C GLN B 21 -5.45 -4.90 -24.95
N VAL B 22 -4.90 -3.86 -24.32
CA VAL B 22 -3.96 -3.97 -23.21
C VAL B 22 -4.41 -2.95 -22.19
N LEU B 23 -4.87 -3.43 -21.03
CA LEU B 23 -5.45 -2.57 -20.01
C LEU B 23 -4.69 -2.72 -18.70
N GLU B 24 -4.10 -1.62 -18.24
CA GLU B 24 -3.32 -1.58 -17.02
C GLU B 24 -4.10 -0.80 -15.96
N PHE B 25 -4.09 -1.32 -14.73
CA PHE B 25 -4.66 -0.60 -13.59
C PHE B 25 -3.57 -0.22 -12.60
N PHE B 26 -3.71 0.95 -11.95
CA PHE B 26 -2.74 1.38 -10.96
C PHE B 26 -3.42 2.30 -9.95
N SER B 27 -2.68 2.64 -8.88
CA SER B 27 -3.11 3.64 -7.90
C SER B 27 -1.92 4.54 -7.61
N PHE B 28 -2.16 5.84 -7.45
CA PHE B 28 -1.07 6.70 -7.00
C PHE B 28 -0.65 6.44 -5.54
N PHE B 29 -1.46 5.73 -4.74
CA PHE B 29 -1.05 5.35 -3.38
C PHE B 29 -0.19 4.10 -3.34
N CYS B 30 -0.24 3.30 -4.41
CA CYS B 30 0.39 1.95 -4.49
C CYS B 30 1.89 2.02 -4.74
N PRO B 31 2.71 1.58 -3.77
CA PRO B 31 4.16 1.64 -3.90
C PRO B 31 4.71 0.72 -5.01
N HIS B 32 4.13 -0.45 -5.17
CA HIS B 32 4.57 -1.36 -6.25
C HIS B 32 4.19 -0.81 -7.63
N CYS B 33 3.10 -0.05 -7.69
CA CYS B 33 2.70 0.62 -8.95
C CYS B 33 3.75 1.68 -9.28
N TYR B 34 4.18 2.43 -8.26
CA TYR B 34 5.25 3.40 -8.44
C TYR B 34 6.50 2.69 -8.91
N GLN B 35 6.82 1.56 -8.28
CA GLN B 35 7.96 0.76 -8.71
C GLN B 35 7.81 0.31 -10.18
N PHE B 36 6.65 -0.26 -10.54
CA PHE B 36 6.42 -0.71 -11.93
C PHE B 36 6.66 0.42 -12.91
N GLU B 37 6.06 1.59 -12.64
CA GLU B 37 6.07 2.62 -13.68
C GLU B 37 7.42 3.34 -13.75
N GLU B 38 7.96 3.73 -12.60
CA GLU B 38 9.10 4.64 -12.59
C GLU B 38 10.44 3.97 -12.34
N VAL B 39 10.47 2.72 -11.87
CA VAL B 39 11.74 2.04 -11.66
C VAL B 39 11.94 0.92 -12.66
N LEU B 40 10.95 0.01 -12.78
CA LEU B 40 11.08 -1.08 -13.75
C LEU B 40 10.71 -0.66 -15.15
N HIS B 41 9.95 0.41 -15.31
CA HIS B 41 9.51 0.87 -16.62
C HIS B 41 8.71 -0.21 -17.34
N ILE B 42 7.83 -0.87 -16.59
CA ILE B 42 7.06 -1.99 -17.16
C ILE B 42 6.31 -1.55 -18.42
N SER B 43 5.56 -0.45 -18.33
CA SER B 43 4.73 -0.03 -19.45
C SER B 43 5.59 0.33 -20.66
N ASP B 44 6.71 1.05 -20.45
CA ASP B 44 7.60 1.37 -21.56
C ASP B 44 8.07 0.11 -22.28
N ASN B 45 8.41 -0.92 -21.51
CA ASN B 45 8.95 -2.13 -22.11
C ASN B 45 7.87 -2.94 -22.77
N VAL B 46 6.66 -2.96 -22.19
CA VAL B 46 5.54 -3.61 -22.90
C VAL B 46 5.29 -2.89 -24.23
N LYS B 47 5.20 -1.56 -24.20
CA LYS B 47 4.95 -0.78 -25.41
C LYS B 47 5.99 -1.06 -26.49
N LYS B 48 7.29 -1.07 -26.13
CA LYS B 48 8.34 -1.27 -27.12
C LYS B 48 8.10 -2.53 -27.92
N LYS B 49 7.42 -3.51 -27.33
CA LYS B 49 7.28 -4.82 -27.96
C LYS B 49 5.89 -5.10 -28.53
N LEU B 50 4.95 -4.16 -28.41
CA LEU B 50 3.58 -4.42 -28.86
C LEU B 50 3.49 -4.44 -30.38
N PRO B 51 2.61 -5.28 -30.92
CA PRO B 51 2.43 -5.31 -32.37
C PRO B 51 1.79 -4.03 -32.86
N GLU B 52 1.80 -3.88 -34.18
CA GLU B 52 1.19 -2.71 -34.81
C GLU B 52 -0.31 -2.72 -34.59
N GLY B 53 -0.86 -1.55 -34.29
CA GLY B 53 -2.28 -1.43 -34.04
C GLY B 53 -2.61 -1.41 -32.56
N VAL B 54 -1.91 -2.23 -31.77
CA VAL B 54 -2.23 -2.42 -30.36
C VAL B 54 -1.82 -1.18 -29.56
N LYS B 55 -2.79 -0.58 -28.88
CA LYS B 55 -2.59 0.61 -28.06
C LYS B 55 -2.78 0.25 -26.58
N MET B 56 -2.18 1.04 -25.70
CA MET B 56 -2.22 0.72 -24.29
C MET B 56 -3.11 1.71 -23.56
N THR B 57 -3.93 1.17 -22.68
CA THR B 57 -4.86 1.93 -21.86
C THR B 57 -4.42 1.78 -20.42
N LYS B 58 -4.48 2.86 -19.64
CA LYS B 58 -4.16 2.74 -18.22
C LYS B 58 -5.23 3.47 -17.42
N TYR B 59 -5.79 2.81 -16.41
CA TYR B 59 -6.84 3.38 -15.56
C TYR B 59 -6.40 3.39 -14.10
N HIS B 60 -6.91 4.37 -13.37
CA HIS B 60 -6.69 4.47 -11.94
C HIS B 60 -7.82 3.77 -11.20
N VAL B 61 -7.51 3.27 -10.01
CA VAL B 61 -8.52 2.60 -9.18
C VAL B 61 -8.40 3.11 -7.76
N ASN B 62 -9.41 2.84 -6.96
CA ASN B 62 -9.38 3.21 -5.55
C ASN B 62 -9.67 2.00 -4.68
N PHE B 63 -8.66 1.49 -3.99
CA PHE B 63 -8.89 0.35 -3.11
C PHE B 63 -8.91 0.72 -1.65
N MET B 64 -8.03 1.62 -1.23
CA MET B 64 -7.94 2.00 0.16
C MET B 64 -7.85 3.50 0.36
N GLY B 65 -7.91 4.30 -0.69
CA GLY B 65 -7.71 5.71 -0.48
C GLY B 65 -8.95 6.52 -0.11
N GLY B 66 -10.10 5.88 0.12
CA GLY B 66 -11.29 6.59 0.54
C GLY B 66 -11.58 7.72 -0.43
N ASP B 67 -12.07 8.84 0.10
CA ASP B 67 -12.46 9.98 -0.72
C ASP B 67 -11.27 10.56 -1.50
N LEU B 68 -10.07 10.62 -0.90
CA LEU B 68 -8.93 11.15 -1.66
C LEU B 68 -8.58 10.25 -2.82
N GLY B 69 -8.72 8.93 -2.62
CA GLY B 69 -8.51 8.02 -3.72
C GLY B 69 -9.49 8.24 -4.86
N LYS B 70 -10.76 8.53 -4.52
CA LYS B 70 -11.72 8.90 -5.57
C LYS B 70 -11.28 10.15 -6.31
N ASP B 71 -10.79 11.16 -5.57
CA ASP B 71 -10.30 12.39 -6.23
C ASP B 71 -9.14 12.09 -7.16
N LEU B 72 -8.23 11.20 -6.76
CA LEU B 72 -7.14 10.84 -7.67
C LEU B 72 -7.67 10.15 -8.94
N THR B 73 -8.70 9.32 -8.80
CA THR B 73 -9.25 8.66 -9.99
C THR B 73 -9.83 9.70 -10.94
N GLN B 74 -10.50 10.71 -10.39
CA GLN B 74 -11.06 11.79 -11.21
C GLN B 74 -9.94 12.67 -11.80
N ALA B 75 -8.88 12.92 -11.01
CA ALA B 75 -7.76 13.68 -11.57
C ALA B 75 -7.06 12.91 -12.68
N TRP B 76 -7.01 11.56 -12.59
CA TRP B 76 -6.43 10.80 -13.69
C TRP B 76 -7.32 10.89 -14.92
N ALA B 77 -8.64 10.88 -14.74
CA ALA B 77 -9.53 11.18 -15.84
C ALA B 77 -9.23 12.54 -16.47
N VAL B 78 -8.97 13.57 -15.64
CA VAL B 78 -8.61 14.87 -16.22
C VAL B 78 -7.31 14.76 -17.01
N ALA B 79 -6.32 14.04 -16.46
CA ALA B 79 -5.05 13.90 -17.17
C ALA B 79 -5.24 13.23 -18.52
N MET B 80 -6.09 12.19 -18.59
CA MET B 80 -6.37 11.57 -19.88
C MET B 80 -7.08 12.55 -20.80
N ALA B 81 -8.04 13.30 -20.27
CA ALA B 81 -8.85 14.19 -21.11
C ALA B 81 -8.01 15.34 -21.66
N LEU B 82 -7.03 15.81 -20.90
CA LEU B 82 -6.17 16.90 -21.34
C LEU B 82 -4.93 16.39 -22.05
N GLY B 83 -4.69 15.08 -22.04
CA GLY B 83 -3.50 14.50 -22.62
C GLY B 83 -2.23 14.96 -21.93
N VAL B 84 -2.22 14.94 -20.60
CA VAL B 84 -1.05 15.41 -19.87
C VAL B 84 -0.54 14.30 -18.95
N GLU B 85 -0.82 13.03 -19.30
CA GLU B 85 -0.31 11.90 -18.52
C GLU B 85 1.20 11.97 -18.34
N ASP B 86 1.94 12.34 -19.39
CA ASP B 86 3.39 12.35 -19.33
C ASP B 86 3.95 13.64 -18.73
N LYS B 87 3.10 14.47 -18.16
CA LYS B 87 3.58 15.60 -17.39
C LYS B 87 3.24 15.49 -15.92
N VAL B 88 2.12 14.85 -15.55
CA VAL B 88 1.67 14.86 -14.16
C VAL B 88 1.92 13.55 -13.44
N THR B 89 2.33 12.48 -14.14
CA THR B 89 2.45 11.19 -13.42
C THR B 89 3.53 11.26 -12.34
N VAL B 90 4.67 11.89 -12.64
CA VAL B 90 5.75 11.92 -11.66
C VAL B 90 5.38 12.83 -10.49
N PRO B 91 4.92 14.05 -10.72
CA PRO B 91 4.55 14.89 -9.55
C PRO B 91 3.44 14.28 -8.68
N LEU B 92 2.55 13.45 -9.27
CA LEU B 92 1.47 12.81 -8.49
C LEU B 92 2.02 11.67 -7.64
N PHE B 93 2.81 10.75 -8.24
CA PHE B 93 3.48 9.73 -7.42
C PHE B 93 4.34 10.36 -6.34
N GLU B 94 5.18 11.35 -6.71
CA GLU B 94 6.12 11.87 -5.72
C GLU B 94 5.38 12.63 -4.64
N GLY B 95 4.34 13.38 -5.03
CA GLY B 95 3.60 14.17 -4.03
C GLY B 95 2.85 13.28 -3.06
N VAL B 96 2.31 12.15 -3.54
CA VAL B 96 1.54 11.27 -2.65
C VAL B 96 2.45 10.44 -1.76
N GLN B 97 3.51 9.87 -2.35
CA GLN B 97 4.30 8.84 -1.69
C GLN B 97 5.64 9.31 -1.15
N LYS B 98 6.24 10.35 -1.72
CA LYS B 98 7.62 10.69 -1.40
C LYS B 98 7.76 12.02 -0.66
N THR B 99 7.36 13.12 -1.28
CA THR B 99 7.52 14.45 -0.67
C THR B 99 6.37 14.80 0.26
N GLN B 100 5.26 14.05 0.19
CA GLN B 100 4.13 14.23 1.09
C GLN B 100 3.58 15.64 1.00
N THR B 101 3.53 16.16 -0.21
CA THR B 101 2.90 17.44 -0.43
C THR B 101 1.51 17.30 -1.01
N ILE B 102 1.06 16.08 -1.34
CA ILE B 102 -0.31 15.87 -1.82
C ILE B 102 -1.09 15.23 -0.68
N ARG B 103 -2.00 16.00 -0.07
CA ARG B 103 -2.75 15.54 1.10
C ARG B 103 -4.24 15.67 0.90
N SER B 104 -4.67 16.34 -0.17
CA SER B 104 -6.09 16.58 -0.42
C SER B 104 -6.24 16.98 -1.88
N ALA B 105 -7.49 17.17 -2.31
CA ALA B 105 -7.77 17.45 -3.73
C ALA B 105 -7.11 18.73 -4.18
N SER B 106 -7.06 19.74 -3.30
CA SER B 106 -6.49 21.01 -3.73
C SER B 106 -5.01 20.85 -4.08
N ASP B 107 -4.29 19.96 -3.40
CA ASP B 107 -2.90 19.73 -3.76
C ASP B 107 -2.78 19.03 -5.11
N ILE B 108 -3.77 18.21 -5.47
CA ILE B 108 -3.76 17.57 -6.79
C ILE B 108 -3.90 18.63 -7.87
N ARG B 109 -4.88 19.53 -7.72
CA ARG B 109 -5.03 20.65 -8.63
C ARG B 109 -3.74 21.44 -8.78
N ASP B 110 -3.05 21.72 -7.68
CA ASP B 110 -1.82 22.50 -7.77
C ASP B 110 -0.80 21.81 -8.67
N VAL B 111 -0.80 20.47 -8.69
CA VAL B 111 0.18 19.78 -9.53
C VAL B 111 -0.07 20.11 -10.99
N PHE B 112 -1.35 20.12 -11.40
CA PHE B 112 -1.67 20.43 -12.80
C PHE B 112 -1.32 21.88 -13.13
N ILE B 113 -1.69 22.81 -12.25
CA ILE B 113 -1.37 24.23 -12.44
C ILE B 113 0.14 24.41 -12.53
N ASN B 114 0.89 23.69 -11.68
CA ASN B 114 2.34 23.81 -11.66
C ASN B 114 2.97 23.29 -12.94
N ALA B 115 2.32 22.32 -13.58
CA ALA B 115 2.76 21.77 -14.86
C ALA B 115 2.27 22.59 -16.05
N GLY B 116 1.56 23.70 -15.84
CA GLY B 116 1.30 24.63 -16.95
C GLY B 116 -0.14 24.66 -17.39
N ILE B 117 -0.98 23.84 -16.79
CA ILE B 117 -2.42 23.85 -17.08
C ILE B 117 -3.06 25.00 -16.33
N LYS B 118 -3.81 25.83 -17.05
CA LYS B 118 -4.54 26.90 -16.38
C LYS B 118 -5.56 26.36 -15.39
N GLY B 119 -5.68 27.04 -14.25
CA GLY B 119 -6.60 26.56 -13.23
C GLY B 119 -8.05 26.50 -13.72
N GLU B 120 -8.45 27.50 -14.52
CA GLU B 120 -9.79 27.49 -15.10
C GLU B 120 -10.01 26.28 -16.00
N GLU B 121 -8.96 25.86 -16.71
CA GLU B 121 -9.08 24.72 -17.63
C GLU B 121 -9.14 23.41 -16.87
N TYR B 122 -8.33 23.27 -15.82
CA TYR B 122 -8.42 22.09 -14.96
C TYR B 122 -9.82 21.96 -14.37
N ASP B 123 -10.41 23.09 -13.91
CA ASP B 123 -11.72 23.02 -13.28
C ASP B 123 -12.81 22.70 -14.30
N ALA B 124 -12.70 23.26 -15.49
CA ALA B 124 -13.67 22.96 -16.53
C ALA B 124 -13.57 21.49 -16.92
N ALA B 125 -12.34 20.96 -17.00
CA ALA B 125 -12.18 19.54 -17.27
C ALA B 125 -12.71 18.71 -16.12
N TRP B 126 -12.41 19.12 -14.89
CA TRP B 126 -12.81 18.35 -13.71
C TRP B 126 -14.32 18.18 -13.68
N ASN B 127 -15.07 19.20 -14.10
CA ASN B 127 -16.53 19.17 -14.03
C ASN B 127 -17.19 18.72 -15.32
N SER B 128 -16.42 18.24 -16.29
CA SER B 128 -16.96 17.99 -17.61
C SER B 128 -17.65 16.64 -17.67
N PHE B 129 -18.61 16.52 -18.58
CA PHE B 129 -19.24 15.21 -18.76
C PHE B 129 -18.26 14.21 -19.39
N VAL B 130 -17.26 14.69 -20.13
CA VAL B 130 -16.20 13.79 -20.60
C VAL B 130 -15.50 13.13 -19.43
N VAL B 131 -15.10 13.91 -18.43
CA VAL B 131 -14.41 13.33 -17.27
C VAL B 131 -15.38 12.52 -16.42
N LYS B 132 -16.60 13.04 -16.19
CA LYS B 132 -17.64 12.22 -15.57
C LYS B 132 -17.72 10.84 -16.22
N SER B 133 -17.70 10.80 -17.55
CA SER B 133 -17.79 9.54 -18.29
C SER B 133 -16.52 8.70 -18.12
N LEU B 134 -15.34 9.33 -18.10
CA LEU B 134 -14.10 8.58 -17.93
C LEU B 134 -14.01 7.95 -16.55
N VAL B 135 -14.56 8.62 -15.53
CA VAL B 135 -14.57 8.02 -14.19
C VAL B 135 -15.45 6.76 -14.20
N ALA B 136 -16.61 6.84 -14.84
CA ALA B 136 -17.48 5.68 -14.92
C ALA B 136 -16.82 4.53 -15.70
N GLN B 137 -16.10 4.84 -16.78
CA GLN B 137 -15.46 3.77 -17.55
C GLN B 137 -14.37 3.07 -16.74
N GLN B 138 -13.59 3.84 -15.98
CA GLN B 138 -12.52 3.24 -15.16
C GLN B 138 -13.12 2.31 -14.12
N GLU B 139 -14.19 2.76 -13.47
CA GLU B 139 -14.83 1.94 -12.44
C GLU B 139 -15.40 0.67 -13.04
N LYS B 140 -16.05 0.78 -14.20
CA LYS B 140 -16.68 -0.41 -14.76
C LYS B 140 -15.64 -1.37 -15.32
N ALA B 141 -14.57 -0.86 -15.90
CA ALA B 141 -13.45 -1.71 -16.30
C ALA B 141 -12.97 -2.54 -15.12
N ALA B 142 -12.75 -1.90 -13.96
CA ALA B 142 -12.28 -2.62 -12.78
C ALA B 142 -13.30 -3.67 -12.34
N ALA B 143 -14.59 -3.33 -12.31
CA ALA B 143 -15.61 -4.29 -11.89
C ALA B 143 -15.69 -5.47 -12.86
N ASP B 144 -15.51 -5.21 -14.15
CA ASP B 144 -15.65 -6.25 -15.16
C ASP B 144 -14.60 -7.34 -15.02
N VAL B 145 -13.36 -6.98 -14.65
CA VAL B 145 -12.31 -7.98 -14.47
C VAL B 145 -12.31 -8.48 -13.03
N GLN B 146 -13.31 -8.10 -12.25
CA GLN B 146 -13.36 -8.35 -10.81
C GLN B 146 -12.00 -8.09 -10.16
N LEU B 147 -11.53 -6.85 -10.37
CA LEU B 147 -10.19 -6.47 -9.94
C LEU B 147 -10.09 -6.49 -8.41
N ARG B 148 -9.04 -7.12 -7.89
CA ARG B 148 -8.85 -7.18 -6.45
C ARG B 148 -7.59 -6.45 -5.96
N GLY B 149 -6.70 -6.02 -6.86
CA GLY B 149 -5.52 -5.31 -6.43
C GLY B 149 -4.75 -4.79 -7.62
N VAL B 150 -3.75 -3.95 -7.33
CA VAL B 150 -2.93 -3.33 -8.37
C VAL B 150 -1.47 -3.47 -7.94
N PRO B 151 -0.51 -3.35 -8.87
CA PRO B 151 -0.70 -3.18 -10.31
C PRO B 151 -1.33 -4.43 -10.91
N ALA B 152 -1.96 -4.25 -12.05
CA ALA B 152 -2.58 -5.36 -12.78
C ALA B 152 -2.62 -5.02 -14.26
N MET B 153 -2.51 -6.04 -15.11
CA MET B 153 -2.62 -5.83 -16.55
C MET B 153 -3.38 -6.98 -17.20
N PHE B 154 -4.18 -6.63 -18.20
CA PHE B 154 -5.12 -7.55 -18.85
C PHE B 154 -4.97 -7.42 -20.36
N VAL B 155 -4.91 -8.55 -21.05
CA VAL B 155 -4.82 -8.59 -22.52
C VAL B 155 -6.18 -9.01 -23.06
N ASN B 156 -6.80 -8.14 -23.87
CA ASN B 156 -8.01 -8.49 -24.63
C ASN B 156 -9.13 -8.99 -23.73
N GLY B 157 -9.19 -8.51 -22.50
CA GLY B 157 -10.25 -8.93 -21.60
C GLY B 157 -10.30 -10.42 -21.34
N LYS B 158 -9.24 -11.14 -21.69
CA LYS B 158 -9.21 -12.59 -21.51
C LYS B 158 -8.15 -13.06 -20.52
N TYR B 159 -6.98 -12.44 -20.52
CA TYR B 159 -5.82 -12.95 -19.80
C TYR B 159 -5.34 -11.92 -18.80
N GLN B 160 -4.88 -12.39 -17.65
CA GLN B 160 -4.32 -11.51 -16.63
C GLN B 160 -2.84 -11.83 -16.43
N LEU B 161 -1.99 -10.81 -16.53
CA LEU B 161 -0.57 -11.01 -16.28
C LEU B 161 -0.38 -11.57 -14.87
N ASN B 162 0.56 -12.51 -14.72
CA ASN B 162 0.82 -13.16 -13.44
C ASN B 162 2.29 -13.00 -13.09
N PRO B 163 2.71 -11.79 -12.70
CA PRO B 163 4.14 -11.59 -12.41
C PRO B 163 4.63 -12.45 -11.26
N GLN B 164 3.74 -12.90 -10.37
CA GLN B 164 4.09 -13.80 -9.27
C GLN B 164 4.70 -15.10 -9.77
N GLY B 165 4.39 -15.49 -11.01
CA GLY B 165 4.89 -16.73 -11.57
C GLY B 165 6.12 -16.63 -12.44
N MET B 166 6.65 -15.43 -12.61
CA MET B 166 7.79 -15.15 -13.47
C MET B 166 9.10 -15.22 -12.68
N ASP B 167 10.21 -15.04 -13.39
CA ASP B 167 11.54 -15.04 -12.79
C ASP B 167 11.77 -13.74 -12.04
N THR B 168 11.54 -13.76 -10.73
CA THR B 168 11.55 -12.55 -9.90
C THR B 168 12.93 -12.19 -9.39
N SER B 169 13.96 -12.93 -9.80
CA SER B 169 15.33 -12.66 -9.34
C SER B 169 15.98 -11.56 -10.16
N ASN B 170 16.19 -11.84 -11.43
CA ASN B 170 16.80 -10.92 -12.37
C ASN B 170 15.72 -9.97 -12.89
N MET B 171 15.75 -8.72 -12.44
CA MET B 171 14.72 -7.77 -12.86
C MET B 171 14.79 -7.51 -14.37
N ASP B 172 15.96 -7.56 -14.99
CA ASP B 172 16.04 -7.28 -16.42
C ASP B 172 15.34 -8.38 -17.22
N VAL B 173 15.59 -9.64 -16.85
CA VAL B 173 14.88 -10.78 -17.45
C VAL B 173 13.41 -10.72 -17.11
N PHE B 174 13.08 -10.35 -15.86
CA PHE B 174 11.69 -10.23 -15.46
C PHE B 174 10.95 -9.25 -16.34
N VAL B 175 11.51 -8.05 -16.52
CA VAL B 175 10.81 -7.01 -17.25
C VAL B 175 10.53 -7.46 -18.67
N GLN B 176 11.51 -8.11 -19.32
CA GLN B 176 11.28 -8.57 -20.69
C GLN B 176 10.39 -9.81 -20.74
N GLN B 177 10.43 -10.65 -19.70
CA GLN B 177 9.46 -11.74 -19.60
C GLN B 177 8.04 -11.21 -19.51
N TYR B 178 7.82 -10.17 -18.70
CA TYR B 178 6.50 -9.56 -18.63
C TYR B 178 6.10 -8.97 -19.98
N ALA B 179 7.00 -8.22 -20.62
CA ALA B 179 6.70 -7.63 -21.92
C ALA B 179 6.45 -8.70 -22.99
N ASP B 180 7.26 -9.76 -23.01
CA ASP B 180 7.06 -10.84 -23.97
C ASP B 180 5.77 -11.61 -23.70
N THR B 181 5.38 -11.73 -22.42
CA THR B 181 4.09 -12.36 -22.13
C THR B 181 2.95 -11.54 -22.70
N VAL B 182 3.00 -10.22 -22.58
CA VAL B 182 1.95 -9.39 -23.16
C VAL B 182 1.91 -9.57 -24.66
N LYS B 183 3.07 -9.51 -25.31
CA LYS B 183 3.10 -9.70 -26.77
C LYS B 183 2.51 -11.07 -27.15
N TYR B 184 2.94 -12.14 -26.48
CA TYR B 184 2.48 -13.49 -26.83
C TYR B 184 0.96 -13.60 -26.70
N LEU B 185 0.44 -13.13 -25.55
CA LEU B 185 -1.01 -13.11 -25.34
C LEU B 185 -1.71 -12.21 -26.36
N SER B 186 -1.08 -11.08 -26.71
CA SER B 186 -1.59 -10.23 -27.77
C SER B 186 -1.82 -11.00 -29.07
N GLU B 187 -1.00 -12.02 -29.31
CA GLU B 187 -1.00 -12.74 -30.58
C GLU B 187 -1.84 -14.02 -30.54
N LYS B 188 -2.61 -14.23 -29.48
CA LYS B 188 -3.54 -15.36 -29.43
C LYS B 188 -4.88 -14.97 -30.04
CAK 5V9 C . -6.35 7.26 3.01
CAI 5V9 C . -5.72 8.60 2.62
CAH 5V9 C . -6.61 9.82 2.90
CAJ 5V9 C . -7.09 9.87 4.35
CAL 5V9 C . -7.06 8.51 5.08
CAS 5V9 C . -7.26 7.29 4.26
NAN 5V9 C . -7.04 6.06 5.04
CAM 5V9 C . -7.59 6.07 6.43
CAP 5V9 C . -7.88 4.59 6.82
CAD 5V9 C . -6.86 3.84 7.41
CAF 5V9 C . -7.06 2.52 7.78
CAC 5V9 C . -9.12 4.01 6.60
CAE 5V9 C . -9.33 2.67 6.95
CAQ 5V9 C . -8.31 1.95 7.54
CAR 5V9 C . -8.51 0.48 7.92
CAB 5V9 C . -7.73 -0.28 8.98
CAA 5V9 C . -8.20 -1.65 9.01
SAO 5V9 C . -9.35 -1.86 7.89
CAG 5V9 C . -9.43 -0.38 7.24
H1 5V9 C . -6.88 6.94 2.26
H2 5V9 C . -5.63 6.63 3.19
H3 5V9 C . -5.53 8.58 1.67
H4 5V9 C . -4.90 8.71 3.12
H5 5V9 C . -6.10 10.62 2.70
H6 5V9 C . -7.38 9.79 2.31
H7 5V9 C . -7.99 10.20 4.36
H8 5V9 C . -6.52 10.48 4.84
H9 5V9 C . -7.76 8.54 5.76
H10 5V9 C . -6.20 8.44 5.53
H11 5V9 C . -8.19 7.29 3.98
H12 5V9 C . -7.43 5.40 4.60
H14 5V9 C . -6.96 6.46 7.04
H15 5V9 C . -8.43 6.57 6.45
H16 5V9 C . -6.03 4.24 7.55
H17 5V9 C . -6.39 2.03 8.18
H18 5V9 C . -9.79 4.51 6.22
H19 5V9 C . -10.15 2.28 6.80
H20 5V9 C . -7.07 0.07 9.53
H21 5V9 C . -7.88 -2.31 9.59
H22 5V9 C . -10.00 -0.12 6.55
CU CU D . 5.84 -25.96 -20.87
#